data_1Z9M
#
_entry.id   1Z9M
#
_cell.length_a   77.100
_cell.length_b   77.500
_cell.length_c   102.200
_cell.angle_alpha   90.00
_cell.angle_beta   90.00
_cell.angle_gamma   90.00
#
_symmetry.space_group_name_H-M   'C 2 2 21'
#
loop_
_entity.id
_entity.type
_entity.pdbx_description
1 polymer GAPA225
2 water water
#
_entity_poly.entity_id   1
_entity_poly.type   'polypeptide(L)'
_entity_poly.pdbx_seq_one_letter_code
;GSGMKETAAAKFERQHMDSPDLGTDDDDKAMADINLSQDDSQPWTSDETVVAGGTVVLKCQVKDHEDSSLQWSNPAQQTL
YFGEKRALRDNRIQLVTSTPHELSISISNVALADEGEYTCSIFTMPVRTAKSLVTVLGIPQKPII
;
_entity_poly.pdbx_strand_id   A,B
#
# COMPACT_ATOMS: atom_id res chain seq x y z
N GLN A 38 -12.98 3.58 20.89
CA GLN A 38 -14.29 3.85 20.21
C GLN A 38 -14.18 5.11 19.33
N ASP A 39 -14.32 4.94 18.03
CA ASP A 39 -14.22 6.06 17.12
C ASP A 39 -14.97 5.81 15.82
N ASP A 40 -15.72 6.82 15.40
CA ASP A 40 -16.51 6.69 14.20
C ASP A 40 -15.67 6.42 12.97
N SER A 41 -14.44 6.95 12.97
CA SER A 41 -13.56 6.79 11.83
C SER A 41 -12.67 5.55 11.82
N GLN A 42 -12.81 4.73 12.86
CA GLN A 42 -12.06 3.48 13.02
C GLN A 42 -12.78 2.35 12.25
N PRO A 43 -12.16 1.82 11.18
CA PRO A 43 -12.82 0.76 10.42
C PRO A 43 -12.89 -0.57 11.18
N TRP A 44 -13.70 -1.49 10.67
CA TRP A 44 -13.82 -2.79 11.26
C TRP A 44 -14.10 -3.82 10.16
N THR A 45 -13.61 -5.03 10.39
CA THR A 45 -13.77 -6.16 9.48
C THR A 45 -13.66 -7.35 10.42
N SER A 46 -13.99 -8.54 9.94
CA SER A 46 -13.86 -9.71 10.79
C SER A 46 -12.96 -10.72 10.10
N ASP A 47 -12.53 -11.72 10.86
CA ASP A 47 -11.67 -12.75 10.34
C ASP A 47 -12.50 -13.64 9.42
N GLU A 48 -11.83 -14.39 8.56
CA GLU A 48 -12.52 -15.28 7.64
C GLU A 48 -11.77 -16.59 7.64
N THR A 49 -12.48 -17.67 7.93
CA THR A 49 -11.88 -18.98 7.93
C THR A 49 -12.47 -19.67 6.75
N VAL A 50 -11.62 -20.19 5.88
CA VAL A 50 -12.12 -20.83 4.66
C VAL A 50 -11.42 -22.15 4.40
N VAL A 51 -12.06 -23.00 3.61
CA VAL A 51 -11.48 -24.30 3.24
C VAL A 51 -10.77 -24.07 1.93
N ALA A 52 -9.53 -24.55 1.83
CA ALA A 52 -8.75 -24.36 0.63
C ALA A 52 -9.58 -24.74 -0.58
N GLY A 53 -9.54 -23.89 -1.61
CA GLY A 53 -10.31 -24.15 -2.82
C GLY A 53 -11.57 -23.32 -2.81
N GLY A 54 -11.91 -22.80 -1.64
CA GLY A 54 -13.09 -21.97 -1.49
C GLY A 54 -12.80 -20.49 -1.68
N THR A 55 -13.85 -19.69 -1.50
CA THR A 55 -13.80 -18.24 -1.68
C THR A 55 -13.91 -17.50 -0.37
N VAL A 56 -13.05 -16.51 -0.20
CA VAL A 56 -13.02 -15.70 1.01
C VAL A 56 -13.39 -14.27 0.65
N VAL A 57 -14.34 -13.70 1.38
CA VAL A 57 -14.74 -12.34 1.11
C VAL A 57 -14.23 -11.47 2.26
N LEU A 58 -13.48 -10.42 1.90
CA LEU A 58 -12.92 -9.49 2.87
C LEU A 58 -13.77 -8.21 2.86
N LYS A 59 -14.47 -7.95 3.97
CA LYS A 59 -15.37 -6.81 4.04
C LYS A 59 -14.98 -5.80 5.13
N CYS A 60 -14.83 -4.54 4.74
CA CYS A 60 -14.44 -3.51 5.68
C CYS A 60 -15.37 -2.32 5.62
N GLN A 61 -15.69 -1.74 6.79
CA GLN A 61 -16.57 -0.59 6.82
C GLN A 61 -16.05 0.42 7.80
N VAL A 62 -16.57 1.64 7.67
CA VAL A 62 -16.23 2.76 8.54
C VAL A 62 -17.49 3.63 8.56
N LYS A 63 -17.82 4.14 9.74
CA LYS A 63 -19.00 4.99 9.93
C LYS A 63 -18.78 6.39 9.35
N ASP A 64 -17.65 7.01 9.70
CA ASP A 64 -17.30 8.34 9.20
C ASP A 64 -15.94 8.27 8.50
N HIS A 65 -15.94 8.23 7.18
CA HIS A 65 -14.72 8.13 6.38
C HIS A 65 -13.89 9.43 6.27
N GLU A 66 -14.45 10.56 6.69
CA GLU A 66 -13.74 11.83 6.62
C GLU A 66 -13.22 12.04 5.20
N ASP A 67 -13.91 11.43 4.24
CA ASP A 67 -13.55 11.54 2.84
C ASP A 67 -12.12 11.07 2.60
N SER A 68 -11.86 9.94 3.20
CA SER A 68 -10.56 9.32 3.12
C SER A 68 -10.74 7.97 2.54
N SER A 69 -9.79 7.54 1.73
CA SER A 69 -9.89 6.28 1.04
C SER A 69 -9.70 5.07 1.94
N LEU A 70 -10.30 3.95 1.53
CA LEU A 70 -10.17 2.67 2.22
C LEU A 70 -9.22 1.84 1.34
N GLN A 71 -8.35 1.02 1.93
CA GLN A 71 -7.42 0.20 1.14
C GLN A 71 -7.18 -1.12 1.79
N TRP A 72 -7.23 -2.18 0.99
CA TRP A 72 -7.00 -3.53 1.47
C TRP A 72 -5.58 -3.92 1.05
N SER A 73 -4.83 -4.53 1.96
CA SER A 73 -3.47 -4.97 1.62
C SER A 73 -3.35 -6.41 2.10
N ASN A 74 -2.47 -7.21 1.51
CA ASN A 74 -2.34 -8.61 1.93
C ASN A 74 -1.39 -8.83 3.12
N PRO A 75 -1.11 -10.11 3.49
CA PRO A 75 -0.20 -10.43 4.60
C PRO A 75 1.23 -9.92 4.41
N ALA A 76 1.61 -9.65 3.17
CA ALA A 76 2.94 -9.14 2.87
C ALA A 76 2.88 -7.63 2.80
N GLN A 77 1.74 -7.05 3.16
CA GLN A 77 1.53 -5.60 3.14
C GLN A 77 1.40 -4.98 1.74
N GLN A 78 1.20 -5.83 0.73
CA GLN A 78 1.05 -5.33 -0.63
C GLN A 78 -0.35 -4.83 -0.90
N THR A 79 -0.46 -3.63 -1.45
CA THR A 79 -1.76 -3.10 -1.77
C THR A 79 -2.55 -4.03 -2.70
N LEU A 80 -3.80 -4.28 -2.35
CA LEU A 80 -4.70 -5.12 -3.16
C LEU A 80 -5.70 -4.19 -3.88
N TYR A 81 -6.26 -3.24 -3.14
CA TYR A 81 -7.19 -2.25 -3.70
C TYR A 81 -7.12 -0.94 -2.91
N PHE A 82 -7.00 0.16 -3.65
CA PHE A 82 -6.97 1.51 -3.10
C PHE A 82 -8.25 2.09 -3.66
N GLY A 83 -9.26 2.25 -2.80
CA GLY A 83 -10.54 2.72 -3.29
C GLY A 83 -10.92 1.59 -4.23
N GLU A 84 -11.57 1.89 -5.36
CA GLU A 84 -11.96 0.86 -6.32
C GLU A 84 -10.84 0.52 -7.30
N LYS A 85 -9.70 1.20 -7.16
CA LYS A 85 -8.57 0.98 -8.05
C LYS A 85 -7.80 -0.28 -7.67
N ARG A 86 -7.74 -1.22 -8.60
CA ARG A 86 -7.03 -2.46 -8.35
C ARG A 86 -5.53 -2.23 -8.29
N ALA A 87 -4.85 -3.06 -7.49
CA ALA A 87 -3.41 -2.99 -7.37
C ALA A 87 -2.80 -4.34 -7.75
N LEU A 88 -2.45 -5.17 -6.76
CA LEU A 88 -1.81 -6.45 -7.07
C LEU A 88 -2.60 -7.24 -8.10
N ARG A 89 -1.88 -7.76 -9.08
CA ARG A 89 -2.52 -8.53 -10.11
C ARG A 89 -2.61 -10.00 -9.74
N ASP A 90 -3.83 -10.41 -9.47
CA ASP A 90 -4.13 -11.79 -9.12
C ASP A 90 -5.52 -12.07 -9.61
N ASN A 91 -5.59 -12.82 -10.70
CA ASN A 91 -6.87 -13.17 -11.31
C ASN A 91 -7.96 -13.56 -10.30
N ARG A 92 -7.55 -14.21 -9.21
CA ARG A 92 -8.47 -14.68 -8.20
C ARG A 92 -9.15 -13.62 -7.40
N ILE A 93 -8.54 -12.45 -7.33
CA ILE A 93 -9.09 -11.35 -6.56
C ILE A 93 -9.99 -10.42 -7.34
N GLN A 94 -11.23 -10.29 -6.90
CA GLN A 94 -12.20 -9.41 -7.52
C GLN A 94 -12.66 -8.35 -6.53
N LEU A 95 -13.20 -7.26 -7.03
CA LEU A 95 -13.72 -6.23 -6.14
C LEU A 95 -15.19 -6.60 -5.97
N VAL A 96 -15.64 -6.70 -4.74
CA VAL A 96 -17.05 -7.03 -4.50
C VAL A 96 -17.84 -5.75 -4.51
N THR A 97 -17.30 -4.71 -3.87
CA THR A 97 -18.02 -3.47 -3.85
C THR A 97 -17.18 -2.38 -3.22
N SER A 98 -17.24 -1.18 -3.77
CA SER A 98 -16.48 -0.07 -3.20
C SER A 98 -17.27 1.22 -3.04
N THR A 99 -17.63 1.55 -1.81
CA THR A 99 -18.37 2.79 -1.56
C THR A 99 -17.54 3.61 -0.58
N PRO A 100 -17.98 4.82 -0.22
CA PRO A 100 -17.10 5.53 0.72
C PRO A 100 -17.11 4.96 2.14
N HIS A 101 -18.11 4.14 2.46
CA HIS A 101 -18.20 3.51 3.78
C HIS A 101 -17.86 2.02 3.75
N GLU A 102 -17.68 1.46 2.57
CA GLU A 102 -17.39 0.04 2.46
C GLU A 102 -16.49 -0.38 1.29
N LEU A 103 -15.56 -1.29 1.60
CA LEU A 103 -14.67 -1.86 0.59
C LEU A 103 -14.61 -3.37 0.85
N SER A 104 -15.12 -4.12 -0.10
CA SER A 104 -15.11 -5.57 0.02
C SER A 104 -14.49 -6.17 -1.25
N ILE A 105 -13.63 -7.16 -1.05
CA ILE A 105 -13.02 -7.83 -2.19
C ILE A 105 -13.13 -9.33 -1.94
N SER A 106 -12.95 -10.14 -2.98
CA SER A 106 -13.04 -11.57 -2.77
C SER A 106 -11.80 -12.24 -3.36
N ILE A 107 -11.46 -13.40 -2.82
CA ILE A 107 -10.31 -14.14 -3.30
C ILE A 107 -10.81 -15.56 -3.54
N SER A 108 -10.91 -15.93 -4.82
CA SER A 108 -11.42 -17.25 -5.16
C SER A 108 -10.33 -18.29 -5.23
N ASN A 109 -10.75 -19.55 -5.09
CA ASN A 109 -9.82 -20.66 -5.15
C ASN A 109 -8.69 -20.42 -4.16
N VAL A 110 -9.06 -20.18 -2.91
CA VAL A 110 -8.09 -19.91 -1.86
C VAL A 110 -7.03 -20.99 -1.63
N ALA A 111 -5.81 -20.56 -1.31
CA ALA A 111 -4.71 -21.50 -1.04
C ALA A 111 -4.01 -21.12 0.28
N LEU A 112 -3.16 -22.02 0.76
CA LEU A 112 -2.41 -21.81 2.00
C LEU A 112 -1.56 -20.56 1.90
N ALA A 113 -1.00 -20.35 0.71
CA ALA A 113 -0.18 -19.17 0.46
C ALA A 113 -1.00 -17.91 0.70
N ASP A 114 -2.30 -18.05 0.93
CA ASP A 114 -3.14 -16.88 1.14
C ASP A 114 -3.34 -16.55 2.61
N GLU A 115 -3.01 -17.50 3.47
CA GLU A 115 -3.17 -17.29 4.91
C GLU A 115 -2.48 -16.07 5.49
N GLY A 116 -3.15 -15.43 6.45
CA GLY A 116 -2.53 -14.30 7.11
C GLY A 116 -3.44 -13.17 7.52
N GLU A 117 -2.81 -12.08 7.87
CA GLU A 117 -3.51 -10.89 8.27
C GLU A 117 -3.53 -9.86 7.16
N TYR A 118 -4.73 -9.59 6.66
CA TYR A 118 -4.98 -8.60 5.61
C TYR A 118 -5.36 -7.36 6.40
N THR A 119 -4.89 -6.20 5.97
CA THR A 119 -5.20 -4.98 6.68
C THR A 119 -6.09 -4.07 5.90
N CYS A 120 -7.07 -3.50 6.59
CA CYS A 120 -7.96 -2.53 5.97
C CYS A 120 -7.57 -1.18 6.56
N SER A 121 -7.15 -0.26 5.70
CA SER A 121 -6.74 1.05 6.16
C SER A 121 -7.66 2.15 5.68
N ILE A 122 -7.80 3.18 6.51
CA ILE A 122 -8.58 4.38 6.20
C ILE A 122 -7.51 5.46 6.37
N PHE A 123 -7.23 6.16 5.29
CA PHE A 123 -6.18 7.16 5.34
C PHE A 123 -6.57 8.54 5.84
N THR A 124 -7.22 8.55 7.00
CA THR A 124 -7.61 9.79 7.66
C THR A 124 -6.37 10.31 8.39
N MET A 125 -6.52 11.38 9.14
CA MET A 125 -5.40 11.91 9.89
C MET A 125 -5.72 11.85 11.39
N PRO A 126 -5.07 10.94 12.13
CA PRO A 126 -4.07 10.01 11.60
C PRO A 126 -4.74 8.80 10.96
N VAL A 127 -3.95 7.83 10.56
CA VAL A 127 -4.45 6.64 9.90
C VAL A 127 -5.08 5.62 10.82
N ARG A 128 -6.04 4.86 10.30
CA ARG A 128 -6.71 3.80 11.07
C ARG A 128 -6.72 2.47 10.30
N THR A 129 -6.53 1.39 11.05
CA THR A 129 -6.46 0.06 10.46
C THR A 129 -7.28 -0.97 11.22
N ALA A 130 -7.56 -2.08 10.54
CA ALA A 130 -8.28 -3.18 11.14
C ALA A 130 -7.80 -4.39 10.37
N LYS A 131 -7.28 -5.34 11.13
CA LYS A 131 -6.71 -6.59 10.65
C LYS A 131 -7.76 -7.64 10.48
N SER A 132 -7.64 -8.40 9.40
CA SER A 132 -8.54 -9.51 9.17
C SER A 132 -7.63 -10.72 9.07
N LEU A 133 -7.78 -11.68 9.98
CA LEU A 133 -6.96 -12.88 9.89
C LEU A 133 -7.71 -13.84 8.98
N VAL A 134 -7.05 -14.24 7.90
CA VAL A 134 -7.64 -15.22 6.99
C VAL A 134 -6.93 -16.56 7.27
N THR A 135 -7.71 -17.57 7.66
CA THR A 135 -7.21 -18.91 7.97
C THR A 135 -7.72 -19.90 6.92
N VAL A 136 -6.79 -20.59 6.26
CA VAL A 136 -7.17 -21.55 5.23
C VAL A 136 -7.02 -22.97 5.78
N LEU A 137 -8.12 -23.71 5.75
CA LEU A 137 -8.15 -25.06 6.27
C LEU A 137 -7.95 -26.18 5.25
N GLY A 138 -7.25 -27.22 5.70
CA GLY A 138 -7.00 -28.38 4.86
C GLY A 138 -8.22 -29.30 4.93
N ILE A 139 -8.32 -30.24 4.00
CA ILE A 139 -9.46 -31.15 3.97
C ILE A 139 -9.16 -32.52 4.60
N PRO A 140 -9.94 -32.93 5.62
CA PRO A 140 -9.73 -34.23 6.29
C PRO A 140 -9.82 -35.42 5.32
N GLN A 141 -8.85 -36.34 5.48
CA GLN A 141 -8.65 -37.54 4.64
C GLN A 141 -8.14 -37.19 3.21
N SER B 37 20.29 -7.60 -14.22
CA SER B 37 19.31 -8.05 -15.26
C SER B 37 18.32 -6.98 -15.74
N GLN B 38 18.38 -6.61 -17.02
CA GLN B 38 17.47 -5.59 -17.59
C GLN B 38 16.01 -6.05 -17.62
N ASP B 39 15.10 -5.11 -17.35
CA ASP B 39 13.65 -5.33 -17.30
C ASP B 39 12.97 -3.94 -17.42
N ASP B 40 12.20 -3.71 -18.49
CA ASP B 40 11.57 -2.40 -18.68
C ASP B 40 10.38 -2.14 -17.76
N SER B 41 9.82 -3.20 -17.20
CA SER B 41 8.70 -3.06 -16.29
C SER B 41 9.22 -2.97 -14.84
N GLN B 42 10.55 -2.80 -14.70
CA GLN B 42 11.22 -2.70 -13.40
C GLN B 42 11.62 -1.24 -13.14
N PRO B 43 10.91 -0.55 -12.25
CA PRO B 43 11.28 0.85 -11.98
C PRO B 43 12.59 0.93 -11.21
N TRP B 44 13.19 2.11 -11.20
CA TRP B 44 14.42 2.31 -10.46
C TRP B 44 14.24 3.62 -9.70
N THR B 45 14.94 3.74 -8.58
CA THR B 45 14.89 4.93 -7.75
C THR B 45 16.32 5.08 -7.26
N SER B 46 16.55 5.86 -6.22
CA SER B 46 17.91 6.05 -5.74
C SER B 46 17.95 6.27 -4.23
N ASP B 47 19.05 5.87 -3.60
CA ASP B 47 19.18 6.08 -2.15
C ASP B 47 19.31 7.58 -1.98
N GLU B 48 19.06 8.05 -0.75
CA GLU B 48 19.14 9.46 -0.40
C GLU B 48 19.64 9.54 1.04
N THR B 49 20.56 10.46 1.31
CA THR B 49 21.10 10.63 2.66
C THR B 49 20.89 12.10 2.99
N VAL B 50 20.23 12.38 4.10
CA VAL B 50 19.96 13.76 4.45
C VAL B 50 20.18 14.09 5.89
N VAL B 51 20.36 15.37 6.16
CA VAL B 51 20.57 15.80 7.52
C VAL B 51 19.19 16.06 8.12
N ALA B 52 19.03 15.73 9.39
CA ALA B 52 17.77 15.97 10.09
C ALA B 52 17.35 17.38 9.76
N GLY B 53 16.08 17.57 9.45
CA GLY B 53 15.56 18.90 9.14
C GLY B 53 15.58 19.25 7.65
N GLY B 54 16.33 18.48 6.87
CA GLY B 54 16.44 18.77 5.45
C GLY B 54 15.27 18.27 4.64
N THR B 55 15.42 18.29 3.32
CA THR B 55 14.38 17.80 2.43
C THR B 55 14.86 16.60 1.62
N VAL B 56 13.98 15.63 1.44
CA VAL B 56 14.38 14.47 0.69
C VAL B 56 13.45 14.33 -0.50
N VAL B 57 13.98 13.84 -1.60
CA VAL B 57 13.15 13.62 -2.77
C VAL B 57 13.27 12.16 -3.19
N LEU B 58 12.13 11.48 -3.13
CA LEU B 58 12.06 10.08 -3.52
C LEU B 58 11.57 10.06 -4.96
N LYS B 59 12.43 9.63 -5.85
CA LYS B 59 12.14 9.60 -7.29
C LYS B 59 12.09 8.18 -7.83
N CYS B 60 10.98 7.89 -8.51
CA CYS B 60 10.79 6.58 -9.09
C CYS B 60 10.43 6.71 -10.56
N GLN B 61 11.10 5.93 -11.38
CA GLN B 61 10.85 5.95 -12.80
C GLN B 61 10.66 4.53 -13.33
N VAL B 62 9.92 4.41 -14.44
CA VAL B 62 9.68 3.11 -15.04
C VAL B 62 9.54 3.30 -16.54
N LYS B 63 10.16 2.42 -17.31
CA LYS B 63 10.11 2.54 -18.76
C LYS B 63 8.86 1.97 -19.42
N ASP B 64 8.37 0.84 -18.93
CA ASP B 64 7.16 0.26 -19.49
C ASP B 64 6.22 0.03 -18.34
N HIS B 65 5.20 0.88 -18.21
CA HIS B 65 4.24 0.80 -17.09
C HIS B 65 3.10 -0.22 -17.21
N GLU B 66 2.96 -0.84 -18.39
CA GLU B 66 1.91 -1.83 -18.65
C GLU B 66 0.53 -1.36 -18.18
N ASP B 67 0.32 -0.04 -18.20
CA ASP B 67 -0.95 0.53 -17.78
C ASP B 67 -1.28 0.18 -16.34
N SER B 68 -0.26 0.23 -15.49
CA SER B 68 -0.39 -0.06 -14.07
C SER B 68 0.09 1.19 -13.34
N SER B 69 -0.40 1.43 -12.13
CA SER B 69 -0.01 2.64 -11.39
C SER B 69 1.22 2.49 -10.51
N LEU B 70 1.91 3.61 -10.30
CA LEU B 70 3.09 3.63 -9.44
C LEU B 70 2.62 3.90 -8.00
N GLN B 71 3.39 3.43 -7.02
CA GLN B 71 3.02 3.64 -5.64
C GLN B 71 4.25 3.79 -4.80
N TRP B 72 4.20 4.72 -3.86
CA TRP B 72 5.29 4.94 -2.93
C TRP B 72 4.78 4.56 -1.52
N SER B 73 5.51 3.68 -0.83
CA SER B 73 5.17 3.26 0.54
C SER B 73 6.40 3.49 1.41
N ASN B 74 6.19 3.77 2.70
CA ASN B 74 7.30 4.07 3.62
C ASN B 74 7.88 2.85 4.33
N PRO B 75 8.85 3.05 5.24
CA PRO B 75 9.47 1.93 5.97
C PRO B 75 8.52 0.99 6.70
N ALA B 76 7.44 1.52 7.26
CA ALA B 76 6.49 0.65 7.95
C ALA B 76 5.57 0.06 6.88
N GLN B 77 5.88 0.33 5.61
CA GLN B 77 5.11 -0.13 4.46
C GLN B 77 3.72 0.51 4.30
N GLN B 78 3.55 1.71 4.84
CA GLN B 78 2.28 2.43 4.73
C GLN B 78 2.27 3.17 3.37
N THR B 79 1.14 3.12 2.69
CA THR B 79 1.00 3.78 1.38
C THR B 79 1.11 5.30 1.52
N LEU B 80 2.00 5.91 0.76
CA LEU B 80 2.17 7.35 0.80
C LEU B 80 1.42 7.99 -0.38
N TYR B 81 1.60 7.43 -1.57
CA TYR B 81 0.92 7.91 -2.77
C TYR B 81 0.60 6.72 -3.68
N PHE B 82 -0.66 6.62 -4.08
CA PHE B 82 -1.06 5.55 -4.98
C PHE B 82 -1.37 6.33 -6.24
N GLY B 83 -0.40 6.45 -7.12
CA GLY B 83 -0.61 7.23 -8.31
C GLY B 83 -0.50 8.65 -7.81
N GLU B 84 -1.35 9.55 -8.27
CA GLU B 84 -1.27 10.93 -7.82
C GLU B 84 -2.08 11.11 -6.54
N LYS B 85 -2.69 10.03 -6.08
CA LYS B 85 -3.54 10.06 -4.90
C LYS B 85 -2.80 9.92 -3.59
N ARG B 86 -2.85 10.97 -2.76
CA ARG B 86 -2.20 10.90 -1.47
C ARG B 86 -2.86 9.86 -0.59
N ALA B 87 -2.07 9.20 0.21
CA ALA B 87 -2.55 8.32 1.21
C ALA B 87 -2.21 8.70 2.60
N LEU B 88 -1.18 8.11 3.18
CA LEU B 88 -0.90 8.53 4.55
C LEU B 88 -0.93 10.07 4.61
N ARG B 89 -1.56 10.60 5.66
CA ARG B 89 -1.67 12.05 5.81
C ARG B 89 -0.51 12.64 6.62
N ASP B 90 0.37 13.36 5.94
CA ASP B 90 1.52 13.99 6.59
C ASP B 90 1.93 15.23 5.80
N ASN B 91 1.62 16.39 6.36
CA ASN B 91 1.87 17.70 5.74
C ASN B 91 3.26 17.91 5.18
N ARG B 92 4.26 17.23 5.74
CA ARG B 92 5.62 17.38 5.24
C ARG B 92 5.82 16.66 3.93
N ILE B 93 4.95 15.71 3.61
CA ILE B 93 5.12 14.96 2.38
C ILE B 93 4.27 15.61 1.27
N GLN B 94 4.85 15.76 0.09
CA GLN B 94 4.14 16.39 -1.03
C GLN B 94 4.45 15.71 -2.37
N LEU B 95 3.48 15.73 -3.26
CA LEU B 95 3.63 15.12 -4.57
C LEU B 95 4.39 16.07 -5.47
N VAL B 96 5.51 15.59 -6.03
CA VAL B 96 6.32 16.40 -6.90
C VAL B 96 5.97 16.20 -8.36
N THR B 97 5.84 14.94 -8.76
CA THR B 97 5.55 14.60 -10.15
C THR B 97 4.81 13.27 -10.27
N SER B 98 3.77 13.23 -11.08
CA SER B 98 3.11 11.95 -11.31
C SER B 98 2.65 11.78 -12.74
N THR B 99 3.43 11.02 -13.49
CA THR B 99 3.09 10.73 -14.87
C THR B 99 3.05 9.21 -14.88
N PRO B 100 2.56 8.58 -15.96
CA PRO B 100 2.55 7.10 -15.94
C PRO B 100 3.95 6.49 -15.83
N HIS B 101 4.98 7.31 -16.05
CA HIS B 101 6.37 6.85 -16.00
C HIS B 101 7.15 7.30 -14.78
N GLU B 102 6.60 8.26 -14.03
CA GLU B 102 7.29 8.77 -12.87
C GLU B 102 6.39 9.10 -11.69
N LEU B 103 6.85 8.75 -10.49
CA LEU B 103 6.15 9.07 -9.26
C LEU B 103 7.25 9.59 -8.37
N SER B 104 7.16 10.85 -7.99
CA SER B 104 8.19 11.45 -7.17
C SER B 104 7.54 12.30 -6.10
N ILE B 105 8.00 12.11 -4.87
CA ILE B 105 7.46 12.83 -3.72
C ILE B 105 8.58 13.38 -2.86
N SER B 106 8.26 14.41 -2.09
CA SER B 106 9.25 15.00 -1.22
C SER B 106 8.82 14.97 0.24
N ILE B 107 9.82 15.05 1.11
CA ILE B 107 9.60 15.07 2.53
C ILE B 107 10.45 16.18 3.10
N SER B 108 9.78 17.24 3.54
CA SER B 108 10.47 18.38 4.10
C SER B 108 10.60 18.19 5.59
N ASN B 109 11.54 18.89 6.21
CA ASN B 109 11.77 18.78 7.64
C ASN B 109 11.92 17.31 8.04
N VAL B 110 12.92 16.66 7.46
CA VAL B 110 13.18 15.25 7.70
C VAL B 110 13.59 14.92 9.12
N ALA B 111 13.00 13.86 9.65
CA ALA B 111 13.27 13.43 11.02
C ALA B 111 13.82 12.01 11.07
N LEU B 112 14.52 11.71 12.16
CA LEU B 112 15.12 10.41 12.39
C LEU B 112 14.12 9.32 12.11
N ALA B 113 12.88 9.57 12.49
CA ALA B 113 11.80 8.61 12.27
C ALA B 113 11.56 8.30 10.80
N ASP B 114 11.95 9.21 9.90
CA ASP B 114 11.76 9.00 8.46
C ASP B 114 12.77 8.05 7.87
N GLU B 115 13.72 7.61 8.69
CA GLU B 115 14.76 6.72 8.19
C GLU B 115 14.29 5.34 7.77
N GLY B 116 14.91 4.82 6.72
CA GLY B 116 14.54 3.50 6.31
C GLY B 116 14.40 3.34 4.83
N GLU B 117 13.83 2.20 4.48
CA GLU B 117 13.64 1.80 3.11
C GLU B 117 12.26 2.18 2.63
N TYR B 118 12.21 2.93 1.54
CA TYR B 118 10.93 3.32 0.95
C TYR B 118 10.81 2.49 -0.34
N THR B 119 9.66 1.86 -0.54
CA THR B 119 9.47 1.04 -1.72
C THR B 119 8.60 1.67 -2.79
N CYS B 120 9.08 1.66 -4.02
CA CYS B 120 8.27 2.18 -5.11
C CYS B 120 7.73 0.94 -5.81
N SER B 121 6.42 0.79 -5.85
CA SER B 121 5.86 -0.37 -6.52
C SER B 121 5.10 -0.03 -7.82
N ILE B 122 5.25 -0.89 -8.83
CA ILE B 122 4.50 -0.76 -10.10
C ILE B 122 3.63 -2.02 -10.17
N PHE B 123 2.31 -1.86 -10.20
CA PHE B 123 1.45 -3.03 -10.22
C PHE B 123 1.15 -3.66 -11.57
N THR B 124 2.23 -4.09 -12.21
CA THR B 124 2.23 -4.75 -13.49
C THR B 124 2.13 -6.25 -13.19
N MET B 125 1.91 -7.08 -14.18
CA MET B 125 1.82 -8.50 -13.90
C MET B 125 3.04 -9.27 -14.36
N PRO B 126 3.88 -9.72 -13.42
CA PRO B 126 3.76 -9.57 -11.96
C PRO B 126 4.34 -8.23 -11.47
N VAL B 127 4.13 -7.94 -10.19
CA VAL B 127 4.59 -6.69 -9.56
C VAL B 127 6.12 -6.58 -9.51
N ARG B 128 6.62 -5.36 -9.65
CA ARG B 128 8.06 -5.11 -9.55
C ARG B 128 8.20 -3.98 -8.53
N THR B 129 9.27 -4.02 -7.73
CA THR B 129 9.51 -3.01 -6.71
C THR B 129 10.96 -2.60 -6.72
N ALA B 130 11.18 -1.34 -6.35
CA ALA B 130 12.50 -0.72 -6.26
C ALA B 130 12.59 0.04 -4.93
N LYS B 131 13.70 -0.10 -4.22
CA LYS B 131 13.80 0.56 -2.92
C LYS B 131 14.75 1.72 -2.85
N SER B 132 14.42 2.68 -2.00
CA SER B 132 15.25 3.84 -1.81
C SER B 132 15.57 3.94 -0.34
N LEU B 133 16.83 3.69 0.03
CA LEU B 133 17.22 3.79 1.41
C LEU B 133 17.43 5.23 1.79
N VAL B 134 16.59 5.70 2.72
CA VAL B 134 16.68 7.04 3.23
C VAL B 134 17.40 6.98 4.57
N THR B 135 18.52 7.71 4.64
CA THR B 135 19.34 7.77 5.84
C THR B 135 19.35 9.20 6.37
N VAL B 136 19.02 9.34 7.66
CA VAL B 136 18.98 10.66 8.31
C VAL B 136 20.12 10.79 9.31
N LEU B 137 20.88 11.87 9.16
CA LEU B 137 22.02 12.14 10.01
C LEU B 137 21.79 13.38 10.84
N GLY B 138 22.35 13.37 12.04
CA GLY B 138 22.24 14.50 12.96
C GLY B 138 23.35 15.51 12.69
N ILE B 139 23.42 16.54 13.52
CA ILE B 139 24.44 17.58 13.36
C ILE B 139 25.61 17.28 14.29
N PRO B 140 26.83 17.26 13.72
CA PRO B 140 28.05 16.98 14.48
C PRO B 140 28.70 18.04 15.35
N GLN B 141 29.94 17.70 15.72
CA GLN B 141 30.86 18.48 16.55
C GLN B 141 30.32 18.78 17.93
#